data_4N02
#
_entry.id   4N02
#
_cell.length_a   131.329
_cell.length_b   131.329
_cell.length_c   59.412
_cell.angle_alpha   90.00
_cell.angle_beta   90.00
_cell.angle_gamma   90.00
#
_symmetry.space_group_name_H-M   'I 4'
#
loop_
_entity.id
_entity.type
_entity.pdbx_description
1 polymer 'Isopentenyl-diphosphate delta-isomerase'
2 non-polymer 'SULFATE ION'
3 non-polymer 1-DEOXY-1-(7,8-DIMETHYL-2,4-DIOXO-3,4-DIHYDRO-2H-BENZO[G]PTERIDIN-1-ID-10(5H)-YL)-5-O-PHOSPHONATO-D-RIBITOL
4 water water
#
_entity_poly.entity_id   1
_entity_poly.type   'polypeptide(L)'
_entity_poly.pdbx_seq_one_letter_code
;MRGSHHHHHHGSGSGSGIEGRITTNRKDEHILYALEQKSSYNSFDEVELIHSSLPLYNLDEIDLSTEFAGRKWDFPFYIN
AMTGGSNKGREINQKLAQVAESCGILFVTGSYSAALKNPTDDSFSVKSSHPNLLLGTNIGLDKPVELGLQTVEEMNPVLL
QVHVNVMQELLMPEGERKFRSWQSHLADYSKQIPVPIVLKEVGFGMDAKTIERAYEFGVRTVDLSGRGGTSFAYIENRRS
GQRDYLNQWGQSTMQALLNAQEWKDKVELLVSGGVRNPLDMIKCLVFGAKAVGLSRTVLELVETYTVEEVIGIVQGWKAD
LRLIMCSLNCATIADLQKVDYLLYGKLKEAKDQMKKA
;
_entity_poly.pdbx_strand_id   A
#
# COMPACT_ATOMS: atom_id res chain seq x y z
N THR A 23 -1.86 7.92 -21.91
CA THR A 23 -1.18 7.39 -20.72
C THR A 23 -0.76 8.51 -19.76
N THR A 24 -0.06 9.52 -20.28
CA THR A 24 0.40 10.63 -19.45
C THR A 24 -0.76 11.41 -18.83
N ASN A 25 -1.83 11.60 -19.59
CA ASN A 25 -2.99 12.34 -19.08
C ASN A 25 -3.73 11.55 -18.00
N ARG A 26 -3.82 10.24 -18.18
CA ARG A 26 -4.43 9.40 -17.15
C ARG A 26 -3.66 9.48 -15.83
N LYS A 27 -2.33 9.44 -15.92
CA LYS A 27 -1.49 9.51 -14.72
C LYS A 27 -1.76 10.79 -13.94
N ASP A 28 -1.87 11.90 -14.67
CA ASP A 28 -2.05 13.18 -14.02
C ASP A 28 -3.47 13.36 -13.49
N GLU A 29 -4.44 12.76 -14.15
CA GLU A 29 -5.81 12.77 -13.66
C GLU A 29 -5.94 11.94 -12.38
N HIS A 30 -5.20 10.84 -12.30
CA HIS A 30 -5.19 10.04 -11.09
C HIS A 30 -4.70 10.86 -9.91
N ILE A 31 -3.63 11.62 -10.12
CA ILE A 31 -3.08 12.47 -9.06
C ILE A 31 -4.09 13.54 -8.67
N LEU A 32 -4.62 14.25 -9.67
CA LEU A 32 -5.60 15.30 -9.47
C LEU A 32 -6.83 14.84 -8.67
N TYR A 33 -7.47 13.78 -9.14
CA TYR A 33 -8.71 13.33 -8.52
C TYR A 33 -8.48 12.63 -7.18
N ALA A 34 -7.35 11.94 -7.01
CA ALA A 34 -7.01 11.37 -5.71
C ALA A 34 -6.88 12.45 -4.64
N LEU A 35 -6.29 13.59 -5.00
CA LEU A 35 -6.10 14.67 -4.06
C LEU A 35 -7.40 15.45 -3.80
N GLU A 36 -8.29 15.45 -4.79
CA GLU A 36 -9.57 16.14 -4.69
CA GLU A 36 -9.56 16.17 -4.66
C GLU A 36 -10.55 15.41 -3.77
N GLN A 37 -10.41 14.10 -3.71
CA GLN A 37 -11.36 13.26 -2.98
C GLN A 37 -11.45 13.60 -1.49
N LYS A 38 -12.68 13.64 -0.98
CA LYS A 38 -12.90 13.81 0.46
C LYS A 38 -13.56 12.56 1.05
N SER A 39 -12.89 11.92 2.00
CA SER A 39 -13.43 10.74 2.68
C SER A 39 -14.46 11.12 3.75
N SER A 40 -15.53 10.35 3.84
CA SER A 40 -16.60 10.61 4.79
C SER A 40 -16.74 9.46 5.80
N TYR A 41 -16.07 8.36 5.51
CA TYR A 41 -16.01 7.24 6.43
C TYR A 41 -14.60 6.69 6.44
N ASN A 42 -14.06 6.48 7.63
CA ASN A 42 -12.77 5.84 7.77
C ASN A 42 -12.87 4.80 8.88
N SER A 43 -12.71 3.55 8.51
CA SER A 43 -12.92 2.46 9.46
C SER A 43 -11.97 2.48 10.65
N PHE A 44 -10.83 3.15 10.53
CA PHE A 44 -9.91 3.26 11.67
C PHE A 44 -10.58 3.98 12.83
N ASP A 45 -11.54 4.85 12.53
CA ASP A 45 -12.24 5.61 13.56
C ASP A 45 -13.27 4.78 14.33
N GLU A 46 -13.45 3.53 13.90
CA GLU A 46 -14.31 2.59 14.63
C GLU A 46 -13.52 1.57 15.45
N VAL A 47 -12.23 1.84 15.64
CA VAL A 47 -11.37 0.99 16.45
C VAL A 47 -10.85 1.81 17.63
N GLU A 48 -10.99 1.26 18.84
CA GLU A 48 -10.47 1.90 20.06
C GLU A 48 -9.48 0.94 20.72
N LEU A 49 -8.30 1.42 21.09
CA LEU A 49 -7.30 0.58 21.76
C LEU A 49 -7.31 0.81 23.27
N ILE A 50 -7.23 -0.28 24.03
CA ILE A 50 -7.18 -0.19 25.49
C ILE A 50 -5.74 0.11 25.89
N HIS A 51 -5.53 1.28 26.49
CA HIS A 51 -4.18 1.72 26.79
C HIS A 51 -3.70 1.22 28.15
N SER A 52 -2.49 1.64 28.52
CA SER A 52 -1.88 1.25 29.79
C SER A 52 -1.51 2.50 30.58
N SER A 53 -2.19 2.72 31.70
CA SER A 53 -1.93 3.88 32.54
C SER A 53 -0.57 3.80 33.22
N LEU A 54 -0.19 2.60 33.65
CA LEU A 54 1.09 2.39 34.34
C LEU A 54 2.07 1.79 33.34
N PRO A 55 3.12 2.54 32.99
CA PRO A 55 4.03 2.13 31.91
C PRO A 55 5.11 1.15 32.38
N LEU A 56 5.74 0.50 31.41
CA LEU A 56 6.81 -0.46 31.67
C LEU A 56 8.14 -0.03 31.06
N TYR A 57 8.11 0.73 29.96
CA TYR A 57 9.28 0.89 29.11
C TYR A 57 9.77 2.32 28.94
N ASN A 58 11.04 2.46 28.60
CA ASN A 58 11.60 3.74 28.16
C ASN A 58 11.35 3.95 26.68
N LEU A 59 11.09 5.19 26.29
CA LEU A 59 10.84 5.51 24.89
C LEU A 59 12.01 5.06 23.99
N ASP A 60 13.23 5.17 24.48
CA ASP A 60 14.40 4.85 23.68
C ASP A 60 14.65 3.35 23.47
N GLU A 61 13.84 2.50 24.11
CA GLU A 61 14.00 1.06 23.91
C GLU A 61 12.92 0.47 23.00
N ILE A 62 11.97 1.29 22.58
CA ILE A 62 10.88 0.81 21.72
C ILE A 62 11.41 0.52 20.32
N ASP A 63 11.20 -0.70 19.85
CA ASP A 63 11.74 -1.15 18.57
C ASP A 63 10.67 -1.16 17.48
N LEU A 64 10.95 -0.49 16.36
CA LEU A 64 9.99 -0.33 15.27
C LEU A 64 10.16 -1.32 14.12
N SER A 65 11.10 -2.24 14.24
CA SER A 65 11.41 -3.12 13.12
C SER A 65 10.34 -4.17 12.85
N THR A 66 10.30 -4.62 11.60
CA THR A 66 9.33 -5.64 11.20
C THR A 66 9.97 -6.53 10.13
N GLU A 67 9.26 -7.56 9.69
CA GLU A 67 9.77 -8.49 8.68
C GLU A 67 8.67 -8.79 7.68
N PHE A 68 9.02 -8.75 6.40
CA PHE A 68 8.15 -9.23 5.32
C PHE A 68 8.94 -9.26 4.02
N ALA A 69 8.46 -10.03 3.06
CA ALA A 69 9.10 -10.13 1.75
C ALA A 69 10.59 -10.45 1.87
N GLY A 70 10.91 -11.37 2.77
CA GLY A 70 12.25 -11.92 2.84
C GLY A 70 13.30 -11.08 3.53
N ARG A 71 12.91 -9.99 4.18
CA ARG A 71 13.89 -9.20 4.90
CA ARG A 71 13.89 -9.21 4.92
C ARG A 71 13.34 -8.52 6.14
N LYS A 72 14.25 -8.08 6.99
CA LYS A 72 13.91 -7.27 8.13
C LYS A 72 13.96 -5.81 7.68
N TRP A 73 12.99 -5.02 8.15
CA TRP A 73 12.89 -3.61 7.83
C TRP A 73 13.02 -2.82 9.12
N ASP A 74 13.69 -1.67 9.06
CA ASP A 74 13.84 -0.83 10.25
C ASP A 74 12.51 -0.24 10.72
N PHE A 75 11.58 -0.01 9.80
CA PHE A 75 10.34 0.69 10.11
C PHE A 75 9.14 -0.03 9.52
N PRO A 76 7.95 0.17 10.11
CA PRO A 76 6.79 -0.63 9.72
C PRO A 76 5.81 0.09 8.80
N PHE A 77 6.29 1.12 8.10
CA PHE A 77 5.45 1.80 7.12
C PHE A 77 6.25 2.10 5.85
N TYR A 78 5.53 2.25 4.74
CA TYR A 78 6.16 2.41 3.44
C TYR A 78 5.31 3.34 2.57
N ILE A 79 5.94 3.91 1.56
CA ILE A 79 5.24 4.72 0.57
C ILE A 79 4.75 3.80 -0.53
N ASN A 80 3.43 3.76 -0.70
CA ASN A 80 2.80 2.78 -1.56
C ASN A 80 2.70 3.25 -2.99
N ALA A 81 2.50 2.30 -3.91
CA ALA A 81 2.48 2.55 -5.35
C ALA A 81 1.58 3.71 -5.74
N MET A 82 2.13 4.64 -6.52
CA MET A 82 1.34 5.73 -7.08
C MET A 82 1.65 6.05 -8.53
N THR A 83 2.83 6.60 -8.78
CA THR A 83 2.98 7.26 -10.06
C THR A 83 4.31 7.01 -10.78
N GLY A 84 4.48 7.74 -11.88
CA GLY A 84 5.49 7.46 -12.88
C GLY A 84 4.77 7.37 -14.22
N GLY A 85 5.39 7.87 -15.29
CA GLY A 85 4.77 7.80 -16.60
C GLY A 85 4.33 9.13 -17.15
N SER A 86 4.65 10.20 -16.43
CA SER A 86 4.40 11.56 -16.90
C SER A 86 5.44 12.47 -16.26
N ASN A 87 5.54 13.70 -16.75
CA ASN A 87 6.49 14.65 -16.17
C ASN A 87 6.18 14.93 -14.69
N LYS A 88 4.89 15.05 -14.37
CA LYS A 88 4.50 15.26 -12.98
CA LYS A 88 4.50 15.26 -12.98
C LYS A 88 4.88 14.05 -12.14
N GLY A 89 4.71 12.86 -12.72
CA GLY A 89 5.10 11.63 -12.06
C GLY A 89 6.60 11.58 -11.79
N ARG A 90 7.40 12.06 -12.73
CA ARG A 90 8.84 12.12 -12.55
C ARG A 90 9.18 13.02 -11.36
N GLU A 91 8.54 14.19 -11.32
CA GLU A 91 8.74 15.15 -10.23
C GLU A 91 8.37 14.52 -8.88
N ILE A 92 7.17 13.95 -8.83
CA ILE A 92 6.68 13.29 -7.62
CA ILE A 92 6.71 13.32 -7.60
C ILE A 92 7.62 12.17 -7.18
N ASN A 93 8.02 11.33 -8.12
CA ASN A 93 8.90 10.20 -7.79
C ASN A 93 10.27 10.62 -7.26
N GLN A 94 10.82 11.69 -7.78
CA GLN A 94 12.09 12.21 -7.27
C GLN A 94 11.90 12.67 -5.83
N LYS A 95 10.82 13.37 -5.55
CA LYS A 95 10.54 13.84 -4.20
C LYS A 95 10.30 12.69 -3.22
N LEU A 96 9.50 11.72 -3.63
CA LEU A 96 9.24 10.54 -2.80
C LEU A 96 10.51 9.73 -2.54
N ALA A 97 11.36 9.61 -3.57
CA ALA A 97 12.61 8.86 -3.42
C ALA A 97 13.52 9.54 -2.41
N GLN A 98 13.54 10.87 -2.44
CA GLN A 98 14.36 11.61 -1.49
C GLN A 98 13.83 11.45 -0.06
N VAL A 99 12.52 11.51 0.12
CA VAL A 99 11.92 11.29 1.43
C VAL A 99 12.22 9.87 1.91
N ALA A 100 11.99 8.89 1.05
CA ALA A 100 12.16 7.49 1.43
C ALA A 100 13.61 7.16 1.77
N GLU A 101 14.55 7.63 0.93
CA GLU A 101 15.95 7.34 1.17
C GLU A 101 16.42 7.98 2.47
N SER A 102 16.03 9.23 2.69
CA SER A 102 16.44 9.96 3.88
CA SER A 102 16.42 9.95 3.89
C SER A 102 15.87 9.30 5.15
N CYS A 103 14.67 8.77 5.04
CA CYS A 103 13.97 8.19 6.21
C CYS A 103 14.15 6.68 6.36
N GLY A 104 14.84 6.04 5.41
CA GLY A 104 15.12 4.62 5.49
C GLY A 104 13.88 3.76 5.36
N ILE A 105 12.93 4.19 4.53
CA ILE A 105 11.71 3.43 4.32
C ILE A 105 11.55 2.99 2.86
N LEU A 106 10.77 1.93 2.66
CA LEU A 106 10.45 1.43 1.34
C LEU A 106 9.60 2.42 0.54
N PHE A 107 9.95 2.59 -0.72
CA PHE A 107 9.20 3.38 -1.68
C PHE A 107 8.86 2.47 -2.86
N VAL A 108 7.57 2.29 -3.13
CA VAL A 108 7.13 1.53 -4.30
C VAL A 108 6.60 2.49 -5.35
N THR A 109 7.15 2.43 -6.57
CA THR A 109 6.63 3.28 -7.65
C THR A 109 5.23 2.84 -8.07
N GLY A 110 4.57 3.69 -8.84
CA GLY A 110 3.37 3.29 -9.53
C GLY A 110 3.68 2.24 -10.59
N SER A 111 2.63 1.73 -11.23
CA SER A 111 2.76 0.78 -12.31
C SER A 111 3.84 1.18 -13.31
N TYR A 112 4.72 0.23 -13.64
CA TYR A 112 5.85 0.45 -14.53
C TYR A 112 5.46 0.31 -16.01
N SER A 113 4.21 -0.08 -16.28
CA SER A 113 3.76 -0.33 -17.65
CA SER A 113 3.80 -0.35 -17.64
C SER A 113 4.07 0.81 -18.60
N ALA A 114 3.93 2.04 -18.12
CA ALA A 114 4.22 3.21 -18.96
C ALA A 114 5.65 3.20 -19.51
N ALA A 115 6.59 2.72 -18.71
CA ALA A 115 7.99 2.67 -19.12
C ALA A 115 8.27 1.48 -20.06
N LEU A 116 7.44 0.44 -19.96
CA LEU A 116 7.54 -0.67 -20.90
C LEU A 116 7.08 -0.24 -22.28
N LYS A 117 6.03 0.59 -22.33
CA LYS A 117 5.49 1.06 -23.59
C LYS A 117 6.34 2.17 -24.20
N ASN A 118 7.00 2.93 -23.33
CA ASN A 118 7.85 4.04 -23.75
C ASN A 118 9.21 3.96 -23.04
N PRO A 119 10.17 3.25 -23.64
CA PRO A 119 11.49 3.06 -23.02
C PRO A 119 12.27 4.36 -22.81
N THR A 120 11.82 5.45 -23.41
CA THR A 120 12.46 6.75 -23.21
C THR A 120 12.12 7.33 -21.82
N ASP A 121 11.04 6.83 -21.23
CA ASP A 121 10.55 7.33 -19.94
C ASP A 121 11.60 7.18 -18.84
N ASP A 122 11.95 8.30 -18.21
CA ASP A 122 12.94 8.28 -17.13
C ASP A 122 12.33 8.59 -15.76
N SER A 123 11.00 8.57 -15.68
CA SER A 123 10.31 8.98 -14.46
C SER A 123 10.40 7.97 -13.31
N PHE A 124 10.85 6.75 -13.61
CA PHE A 124 11.01 5.73 -12.58
C PHE A 124 12.48 5.55 -12.19
N SER A 125 13.36 6.30 -12.84
CA SER A 125 14.81 6.09 -12.72
C SER A 125 15.42 6.83 -11.52
N VAL A 126 14.94 6.51 -10.33
CA VAL A 126 15.36 7.21 -9.12
C VAL A 126 16.51 6.53 -8.39
N LYS A 127 16.77 5.26 -8.69
CA LYS A 127 17.81 4.53 -7.98
C LYS A 127 19.21 5.07 -8.24
N SER A 128 19.46 5.51 -9.48
CA SER A 128 20.79 5.98 -9.87
C SER A 128 21.30 7.11 -8.99
N SER A 129 20.42 8.01 -8.59
CA SER A 129 20.80 9.14 -7.75
CA SER A 129 20.83 9.14 -7.74
C SER A 129 20.60 8.86 -6.26
N HIS A 130 19.90 7.77 -5.94
CA HIS A 130 19.59 7.42 -4.56
C HIS A 130 20.05 5.99 -4.27
N PRO A 131 21.36 5.77 -4.16
CA PRO A 131 21.88 4.40 -4.07
C PRO A 131 21.49 3.66 -2.79
N ASN A 132 21.06 4.36 -1.76
CA ASN A 132 20.63 3.70 -0.52
C ASN A 132 19.12 3.52 -0.44
N LEU A 133 18.42 3.84 -1.53
CA LEU A 133 16.96 3.73 -1.58
C LEU A 133 16.48 2.28 -1.57
N LEU A 134 15.49 2.00 -0.73
CA LEU A 134 14.78 0.73 -0.75
C LEU A 134 13.63 0.89 -1.74
N LEU A 135 13.80 0.32 -2.94
CA LEU A 135 12.90 0.60 -4.04
C LEU A 135 12.10 -0.62 -4.46
N GLY A 136 10.79 -0.50 -4.45
CA GLY A 136 9.92 -1.51 -5.02
C GLY A 136 9.28 -0.98 -6.28
N THR A 137 8.71 -1.85 -7.09
CA THR A 137 7.94 -1.39 -8.23
C THR A 137 6.67 -2.22 -8.38
N ASN A 138 5.93 -2.00 -9.45
CA ASN A 138 4.53 -2.38 -9.54
C ASN A 138 4.17 -2.67 -10.99
N ILE A 139 3.36 -3.71 -11.21
CA ILE A 139 2.80 -4.00 -12.53
C ILE A 139 1.43 -4.65 -12.35
N GLY A 140 0.54 -4.48 -13.33
CA GLY A 140 -0.77 -5.09 -13.28
C GLY A 140 -0.75 -6.57 -13.62
N LEU A 141 -1.63 -7.34 -12.97
CA LEU A 141 -1.71 -8.78 -13.19
C LEU A 141 -2.14 -9.10 -14.62
N ASP A 142 -2.74 -8.13 -15.31
CA ASP A 142 -3.11 -8.31 -16.71
C ASP A 142 -1.90 -8.43 -17.64
N LYS A 143 -0.75 -7.94 -17.20
CA LYS A 143 0.45 -8.02 -18.04
C LYS A 143 1.06 -9.42 -17.94
N PRO A 144 1.38 -10.03 -19.09
CA PRO A 144 2.01 -11.35 -19.09
C PRO A 144 3.32 -11.37 -18.31
N VAL A 145 3.69 -12.54 -17.81
CA VAL A 145 4.87 -12.66 -16.95
C VAL A 145 6.15 -12.15 -17.61
N GLU A 146 6.23 -12.22 -18.94
CA GLU A 146 7.40 -11.70 -19.66
C GLU A 146 7.62 -10.21 -19.37
N LEU A 147 6.52 -9.45 -19.26
CA LEU A 147 6.62 -8.03 -18.95
C LEU A 147 6.97 -7.80 -17.47
N GLY A 148 6.47 -8.66 -16.59
CA GLY A 148 6.87 -8.64 -15.19
C GLY A 148 8.37 -8.87 -15.04
N LEU A 149 8.89 -9.85 -15.79
CA LEU A 149 10.31 -10.15 -15.76
C LEU A 149 11.13 -8.96 -16.27
N GLN A 150 10.66 -8.33 -17.34
CA GLN A 150 11.35 -7.17 -17.89
C GLN A 150 11.37 -6.02 -16.88
N THR A 151 10.24 -5.82 -16.20
CA THR A 151 10.12 -4.81 -15.16
C THR A 151 11.15 -5.01 -14.06
N VAL A 152 11.27 -6.25 -13.57
CA VAL A 152 12.21 -6.56 -12.50
C VAL A 152 13.65 -6.39 -12.97
N GLU A 153 13.93 -6.84 -14.20
CA GLU A 153 15.27 -6.71 -14.75
CA GLU A 153 15.27 -6.71 -14.76
C GLU A 153 15.68 -5.24 -14.88
N GLU A 154 14.76 -4.41 -15.36
CA GLU A 154 15.06 -2.98 -15.55
C GLU A 154 15.13 -2.16 -14.26
N MET A 155 14.29 -2.50 -13.30
CA MET A 155 14.17 -1.71 -12.07
C MET A 155 15.00 -2.22 -10.89
N ASN A 156 15.45 -3.47 -10.96
CA ASN A 156 16.17 -4.11 -9.85
C ASN A 156 15.51 -3.83 -8.48
N PRO A 157 14.20 -4.10 -8.37
CA PRO A 157 13.49 -3.75 -7.14
C PRO A 157 13.70 -4.75 -6.01
N VAL A 158 13.41 -4.33 -4.78
CA VAL A 158 13.49 -5.25 -3.64
C VAL A 158 12.27 -6.17 -3.58
N LEU A 159 11.19 -5.75 -4.22
CA LEU A 159 9.97 -6.55 -4.34
C LEU A 159 9.17 -6.04 -5.52
N LEU A 160 8.26 -6.87 -6.01
CA LEU A 160 7.37 -6.49 -7.10
C LEU A 160 5.93 -6.61 -6.64
N GLN A 161 5.20 -5.50 -6.61
CA GLN A 161 3.76 -5.56 -6.41
C GLN A 161 3.10 -5.92 -7.73
N VAL A 162 2.19 -6.88 -7.67
CA VAL A 162 1.42 -7.29 -8.84
C VAL A 162 -0.02 -6.94 -8.51
N HIS A 163 -0.54 -5.90 -9.17
CA HIS A 163 -1.81 -5.34 -8.73
C HIS A 163 -3.03 -5.97 -9.39
N VAL A 164 -4.12 -5.98 -8.62
CA VAL A 164 -5.42 -6.44 -9.10
C VAL A 164 -6.41 -5.30 -8.92
N ASN A 165 -7.05 -4.90 -10.01
CA ASN A 165 -7.86 -3.68 -10.04
C ASN A 165 -9.07 -3.82 -10.95
N VAL A 166 -9.75 -4.96 -10.84
CA VAL A 166 -10.83 -5.31 -11.75
C VAL A 166 -11.88 -4.21 -11.91
N MET A 167 -12.40 -3.70 -10.79
CA MET A 167 -13.45 -2.70 -10.86
C MET A 167 -12.94 -1.42 -11.52
N GLN A 168 -11.69 -1.05 -11.25
CA GLN A 168 -11.11 0.12 -11.90
C GLN A 168 -11.03 -0.07 -13.41
N GLU A 169 -10.53 -1.23 -13.85
CA GLU A 169 -10.46 -1.53 -15.28
C GLU A 169 -11.84 -1.45 -15.94
N LEU A 170 -12.84 -2.01 -15.28
CA LEU A 170 -14.20 -2.05 -15.84
C LEU A 170 -14.86 -0.67 -15.93
N LEU A 171 -14.45 0.25 -15.05
CA LEU A 171 -15.01 1.60 -15.05
C LEU A 171 -14.29 2.54 -16.01
N MET A 172 -13.16 2.07 -16.55
CA MET A 172 -12.33 2.84 -17.49
CA MET A 172 -12.34 2.84 -17.48
C MET A 172 -12.76 2.56 -18.91
N PRO A 173 -12.97 3.61 -19.72
CA PRO A 173 -13.28 3.33 -21.12
C PRO A 173 -12.15 2.59 -21.82
N GLU A 174 -10.91 2.87 -21.46
CA GLU A 174 -9.77 2.23 -22.10
C GLU A 174 -9.32 0.95 -21.38
N GLY A 175 -10.14 0.48 -20.44
CA GLY A 175 -9.74 -0.60 -19.55
C GLY A 175 -9.81 -2.01 -20.10
N GLU A 176 -9.25 -2.96 -19.35
CA GLU A 176 -9.30 -4.37 -19.69
C GLU A 176 -10.73 -4.89 -19.65
N ARG A 177 -11.02 -5.90 -20.46
CA ARG A 177 -12.37 -6.48 -20.52
C ARG A 177 -12.32 -8.00 -20.39
N LYS A 178 -11.12 -8.56 -20.48
CA LYS A 178 -10.95 -10.01 -20.39
C LYS A 178 -10.07 -10.36 -19.20
N PHE A 179 -10.58 -11.22 -18.33
CA PHE A 179 -9.89 -11.52 -17.06
C PHE A 179 -9.64 -13.02 -16.85
N ARG A 180 -10.04 -13.84 -17.82
CA ARG A 180 -9.86 -15.30 -17.71
CA ARG A 180 -9.86 -15.30 -17.71
C ARG A 180 -8.40 -15.68 -17.46
N SER A 181 -7.49 -14.87 -17.97
CA SER A 181 -6.06 -15.18 -17.90
C SER A 181 -5.40 -14.78 -16.58
N TRP A 182 -6.08 -14.02 -15.73
CA TRP A 182 -5.40 -13.47 -14.55
C TRP A 182 -4.87 -14.53 -13.58
N GLN A 183 -5.65 -15.57 -13.32
CA GLN A 183 -5.17 -16.62 -12.42
C GLN A 183 -3.94 -17.33 -12.97
N SER A 184 -3.95 -17.65 -14.26
CA SER A 184 -2.79 -18.25 -14.90
C SER A 184 -1.58 -17.31 -14.83
N HIS A 185 -1.81 -16.02 -15.07
CA HIS A 185 -0.74 -15.03 -14.89
C HIS A 185 -0.16 -15.07 -13.49
N LEU A 186 -1.03 -15.16 -12.47
CA LEU A 186 -0.54 -15.12 -11.10
C LEU A 186 0.35 -16.33 -10.80
N ALA A 187 -0.05 -17.49 -11.31
CA ALA A 187 0.77 -18.68 -11.19
C ALA A 187 2.13 -18.47 -11.87
N ASP A 188 2.12 -17.88 -13.07
CA ASP A 188 3.36 -17.58 -13.78
C ASP A 188 4.29 -16.65 -13.00
N TYR A 189 3.75 -15.57 -12.47
CA TYR A 189 4.55 -14.62 -11.69
C TYR A 189 5.16 -15.31 -10.48
N SER A 190 4.34 -16.11 -9.79
CA SER A 190 4.81 -16.82 -8.61
CA SER A 190 4.81 -16.81 -8.61
C SER A 190 5.96 -17.77 -8.94
N LYS A 191 5.87 -18.42 -10.10
CA LYS A 191 6.87 -19.40 -10.52
C LYS A 191 8.15 -18.80 -11.09
N GLN A 192 8.04 -17.59 -11.65
CA GLN A 192 9.13 -17.05 -12.48
C GLN A 192 9.83 -15.81 -11.95
N ILE A 193 9.10 -14.95 -11.23
CA ILE A 193 9.70 -13.68 -10.82
C ILE A 193 10.76 -13.94 -9.74
N PRO A 194 11.98 -13.39 -9.92
CA PRO A 194 13.07 -13.73 -9.00
C PRO A 194 13.15 -12.86 -7.73
N VAL A 195 12.25 -11.91 -7.55
CA VAL A 195 12.18 -11.14 -6.32
C VAL A 195 10.84 -11.48 -5.63
N PRO A 196 10.71 -11.15 -4.34
CA PRO A 196 9.41 -11.40 -3.69
C PRO A 196 8.26 -10.68 -4.40
N ILE A 197 7.13 -11.36 -4.52
CA ILE A 197 5.89 -10.82 -5.10
CA ILE A 197 5.96 -10.69 -5.07
C ILE A 197 4.91 -10.41 -4.01
N VAL A 198 4.23 -9.29 -4.18
CA VAL A 198 3.16 -8.87 -3.29
C VAL A 198 1.91 -8.70 -4.13
N LEU A 199 0.88 -9.51 -3.89
CA LEU A 199 -0.39 -9.32 -4.59
C LEU A 199 -1.04 -8.07 -3.99
N LYS A 200 -1.41 -7.13 -4.85
CA LYS A 200 -1.67 -5.77 -4.42
C LYS A 200 -3.06 -5.26 -4.83
N GLU A 201 -3.92 -5.01 -3.85
CA GLU A 201 -5.18 -4.34 -4.11
C GLU A 201 -4.94 -2.85 -4.30
N VAL A 202 -5.98 -2.12 -4.72
CA VAL A 202 -5.85 -0.72 -5.09
C VAL A 202 -6.91 0.13 -4.40
N GLY A 203 -7.47 -0.39 -3.32
CA GLY A 203 -8.43 0.36 -2.52
C GLY A 203 -9.80 -0.27 -2.39
N PHE A 204 -10.00 -1.45 -2.96
CA PHE A 204 -11.29 -2.12 -2.83
C PHE A 204 -11.35 -3.18 -1.74
N GLY A 205 -10.21 -3.48 -1.13
CA GLY A 205 -10.15 -4.39 0.00
C GLY A 205 -10.06 -5.85 -0.41
N MET A 206 -8.88 -6.44 -0.26
CA MET A 206 -8.68 -7.81 -0.75
C MET A 206 -9.46 -8.82 0.07
N ASP A 207 -10.25 -9.64 -0.61
CA ASP A 207 -11.11 -10.60 0.07
C ASP A 207 -10.35 -11.88 0.43
N ALA A 208 -10.89 -12.61 1.41
CA ALA A 208 -10.24 -13.82 1.89
C ALA A 208 -10.12 -14.92 0.83
N LYS A 209 -11.11 -15.06 -0.03
CA LYS A 209 -11.03 -16.10 -1.07
C LYS A 209 -9.86 -15.83 -2.02
N THR A 210 -9.64 -14.56 -2.34
CA THR A 210 -8.49 -14.18 -3.16
C THR A 210 -7.18 -14.52 -2.45
N ILE A 211 -7.11 -14.23 -1.15
CA ILE A 211 -5.91 -14.55 -0.40
C ILE A 211 -5.64 -16.05 -0.43
N GLU A 212 -6.69 -16.84 -0.23
CA GLU A 212 -6.58 -18.30 -0.30
C GLU A 212 -6.04 -18.76 -1.66
N ARG A 213 -6.62 -18.25 -2.74
CA ARG A 213 -6.18 -18.63 -4.08
C ARG A 213 -4.72 -18.23 -4.31
N ALA A 214 -4.38 -17.01 -3.91
CA ALA A 214 -3.01 -16.52 -4.04
C ALA A 214 -2.04 -17.41 -3.27
N TYR A 215 -2.40 -17.77 -2.04
CA TYR A 215 -1.58 -18.63 -1.19
C TYR A 215 -1.32 -19.96 -1.88
N GLU A 216 -2.34 -20.53 -2.50
CA GLU A 216 -2.20 -21.81 -3.17
CA GLU A 216 -2.24 -21.81 -3.20
C GLU A 216 -1.25 -21.75 -4.36
N PHE A 217 -1.14 -20.57 -4.99
CA PHE A 217 -0.20 -20.36 -6.10
C PHE A 217 1.22 -20.10 -5.61
N GLY A 218 1.39 -19.89 -4.30
CA GLY A 218 2.71 -19.64 -3.74
C GLY A 218 2.95 -18.20 -3.28
N VAL A 219 1.93 -17.36 -3.39
CA VAL A 219 2.05 -15.97 -2.92
C VAL A 219 2.12 -15.97 -1.40
N ARG A 220 3.05 -15.20 -0.84
CA ARG A 220 3.23 -15.18 0.61
C ARG A 220 3.12 -13.79 1.24
N THR A 221 2.85 -12.79 0.41
CA THR A 221 2.70 -11.42 0.89
C THR A 221 1.60 -10.76 0.07
N VAL A 222 0.68 -10.06 0.73
CA VAL A 222 -0.39 -9.33 0.05
C VAL A 222 -0.53 -7.95 0.65
N ASP A 223 -1.07 -7.01 -0.14
CA ASP A 223 -1.42 -5.68 0.35
C ASP A 223 -2.96 -5.61 0.23
N LEU A 224 -3.63 -5.56 1.37
CA LEU A 224 -5.10 -5.65 1.43
C LEU A 224 -5.81 -4.42 0.89
N SER A 225 -5.06 -3.33 0.72
CA SER A 225 -5.52 -1.99 0.33
C SER A 225 -7.02 -1.82 0.20
N GLY A 226 -7.65 -1.38 1.29
CA GLY A 226 -9.08 -1.30 1.37
C GLY A 226 -9.65 0.09 1.20
N ARG A 227 -10.96 0.17 1.36
CA ARG A 227 -11.75 1.37 1.15
C ARG A 227 -11.71 2.25 2.39
N GLY A 228 -11.65 3.56 2.18
CA GLY A 228 -11.66 4.52 3.28
C GLY A 228 -10.80 5.71 2.95
N GLY A 229 -9.82 5.47 2.08
CA GLY A 229 -8.97 6.52 1.56
C GLY A 229 -9.25 6.67 0.09
N THR A 230 -8.20 6.67 -0.72
CA THR A 230 -8.36 6.81 -2.16
C THR A 230 -9.25 5.71 -2.74
N SER A 231 -10.23 6.11 -3.55
CA SER A 231 -11.08 5.17 -4.25
C SER A 231 -10.89 5.32 -5.76
N PHE A 232 -10.48 4.24 -6.41
CA PHE A 232 -10.37 4.32 -7.86
C PHE A 232 -11.70 4.21 -8.58
N ALA A 233 -12.76 3.81 -7.87
CA ALA A 233 -14.10 3.96 -8.43
C ALA A 233 -14.41 5.46 -8.52
N TYR A 234 -14.19 6.19 -7.43
CA TYR A 234 -14.36 7.64 -7.45
C TYR A 234 -13.56 8.28 -8.58
N ILE A 235 -12.30 7.89 -8.70
CA ILE A 235 -11.41 8.50 -9.69
C ILE A 235 -11.85 8.22 -11.12
N GLU A 236 -12.11 6.96 -11.45
CA GLU A 236 -12.49 6.65 -12.83
C GLU A 236 -13.86 7.21 -13.16
N ASN A 237 -14.72 7.31 -12.15
CA ASN A 237 -16.04 7.89 -12.35
C ASN A 237 -15.98 9.41 -12.54
N ARG A 238 -14.99 10.06 -11.94
CA ARG A 238 -14.74 11.48 -12.21
C ARG A 238 -14.26 11.66 -13.65
N ARG A 239 -13.39 10.75 -14.10
CA ARG A 239 -12.87 10.79 -15.47
C ARG A 239 -13.97 10.56 -16.50
N SER A 240 -14.89 9.66 -16.20
CA SER A 240 -15.95 9.29 -17.15
C SER A 240 -17.22 10.11 -16.99
N GLY A 241 -17.45 10.63 -15.78
CA GLY A 241 -18.65 11.40 -15.50
C GLY A 241 -19.86 10.52 -15.26
N GLN A 242 -19.63 9.24 -15.01
CA GLN A 242 -20.73 8.28 -14.86
C GLN A 242 -20.50 7.34 -13.69
N ARG A 243 -21.56 6.68 -13.25
CA ARG A 243 -21.50 5.51 -12.35
C ARG A 243 -21.08 5.81 -10.91
N ASP A 244 -21.33 7.02 -10.43
CA ASP A 244 -21.02 7.40 -9.05
C ASP A 244 -21.62 6.47 -7.99
N TYR A 245 -22.68 5.75 -8.35
CA TYR A 245 -23.35 4.84 -7.42
C TYR A 245 -22.44 3.68 -7.01
N LEU A 246 -21.32 3.52 -7.71
CA LEU A 246 -20.32 2.48 -7.39
C LEU A 246 -19.13 3.00 -6.60
N ASN A 247 -19.15 4.27 -6.21
CA ASN A 247 -17.99 4.87 -5.56
C ASN A 247 -17.55 4.20 -4.27
N GLN A 248 -18.48 3.57 -3.56
CA GLN A 248 -18.15 2.91 -2.29
C GLN A 248 -18.01 1.40 -2.44
N TRP A 249 -17.67 0.95 -3.65
CA TRP A 249 -17.44 -0.48 -3.89
C TRP A 249 -16.36 -1.05 -2.97
N GLY A 250 -16.56 -2.30 -2.56
CA GLY A 250 -15.53 -3.03 -1.85
C GLY A 250 -15.63 -2.93 -0.34
N GLN A 251 -14.62 -3.49 0.32
CA GLN A 251 -14.59 -3.58 1.77
C GLN A 251 -13.65 -2.55 2.35
N SER A 252 -14.01 -1.98 3.50
CA SER A 252 -13.13 -1.03 4.17
C SER A 252 -11.83 -1.70 4.58
N THR A 253 -10.81 -0.88 4.79
CA THR A 253 -9.52 -1.39 5.22
C THR A 253 -9.59 -2.27 6.47
N MET A 254 -10.26 -1.80 7.53
CA MET A 254 -10.37 -2.64 8.73
C MET A 254 -11.20 -3.89 8.48
N GLN A 255 -12.26 -3.78 7.69
CA GLN A 255 -13.07 -4.98 7.42
C GLN A 255 -12.26 -6.03 6.65
N ALA A 256 -11.47 -5.58 5.68
CA ALA A 256 -10.64 -6.52 4.92
C ALA A 256 -9.61 -7.17 5.84
N LEU A 257 -9.03 -6.39 6.74
CA LEU A 257 -8.06 -6.91 7.69
C LEU A 257 -8.70 -7.91 8.67
N LEU A 258 -9.87 -7.58 9.20
CA LEU A 258 -10.58 -8.51 10.09
C LEU A 258 -11.01 -9.78 9.33
N ASN A 259 -11.45 -9.62 8.08
CA ASN A 259 -11.84 -10.78 7.28
C ASN A 259 -10.66 -11.69 6.90
N ALA A 260 -9.46 -11.14 7.00
CA ALA A 260 -8.24 -11.86 6.63
C ALA A 260 -7.51 -12.51 7.82
N GLN A 261 -8.11 -12.45 9.01
CA GLN A 261 -7.40 -12.88 10.22
C GLN A 261 -6.98 -14.35 10.20
N GLU A 262 -7.76 -15.21 9.55
CA GLU A 262 -7.39 -16.62 9.47
C GLU A 262 -6.12 -16.83 8.65
N TRP A 263 -5.72 -15.83 7.88
CA TRP A 263 -4.56 -15.94 6.99
C TRP A 263 -3.32 -15.21 7.50
N LYS A 264 -3.43 -14.55 8.64
CA LYS A 264 -2.41 -13.58 9.07
C LYS A 264 -1.05 -14.20 9.38
N ASP A 265 -1.01 -15.50 9.61
CA ASP A 265 0.26 -16.16 9.90
C ASP A 265 0.71 -17.11 8.82
N LYS A 266 -0.09 -17.25 7.76
CA LYS A 266 0.29 -18.06 6.60
C LYS A 266 0.70 -17.15 5.44
N VAL A 267 0.19 -15.93 5.46
CA VAL A 267 0.49 -14.90 4.48
C VAL A 267 0.84 -13.62 5.23
N GLU A 268 1.86 -12.90 4.78
CA GLU A 268 2.19 -11.60 5.36
C GLU A 268 1.19 -10.56 4.89
N LEU A 269 0.43 -10.00 5.82
CA LEU A 269 -0.56 -9.00 5.48
C LEU A 269 0.02 -7.60 5.58
N LEU A 270 0.16 -6.94 4.43
CA LEU A 270 0.45 -5.52 4.42
C LEU A 270 -0.89 -4.82 4.29
N VAL A 271 -1.03 -3.68 4.94
CA VAL A 271 -2.33 -3.02 4.98
C VAL A 271 -2.20 -1.56 4.57
N SER A 272 -3.15 -1.12 3.74
CA SER A 272 -3.16 0.26 3.28
C SER A 272 -4.59 0.61 2.94
N GLY A 273 -4.81 1.88 2.61
CA GLY A 273 -6.13 2.39 2.27
C GLY A 273 -6.65 3.28 3.39
N GLY A 274 -6.55 4.59 3.21
CA GLY A 274 -7.03 5.53 4.19
C GLY A 274 -6.18 5.65 5.44
N VAL A 275 -4.89 5.33 5.35
CA VAL A 275 -4.01 5.52 6.48
C VAL A 275 -3.59 6.98 6.53
N ARG A 276 -3.94 7.66 7.62
CA ARG A 276 -3.78 9.11 7.73
C ARG A 276 -2.65 9.52 8.66
N ASN A 277 -2.31 8.65 9.60
CA ASN A 277 -1.47 9.07 10.72
C ASN A 277 -0.89 7.84 11.43
N PRO A 278 0.04 8.04 12.38
CA PRO A 278 0.65 6.89 13.06
C PRO A 278 -0.33 6.02 13.86
N LEU A 279 -1.42 6.58 14.37
CA LEU A 279 -2.38 5.76 15.10
C LEU A 279 -3.08 4.77 14.17
N ASP A 280 -3.41 5.20 12.96
CA ASP A 280 -3.97 4.29 11.97
C ASP A 280 -2.96 3.16 11.71
N MET A 281 -1.68 3.50 11.61
CA MET A 281 -0.65 2.47 11.41
C MET A 281 -0.66 1.46 12.55
N ILE A 282 -0.64 1.97 13.78
CA ILE A 282 -0.65 1.12 14.96
C ILE A 282 -1.86 0.17 14.96
N LYS A 283 -3.02 0.69 14.60
CA LYS A 283 -4.23 -0.14 14.55
C LYS A 283 -4.08 -1.33 13.60
N CYS A 284 -3.44 -1.12 12.45
CA CYS A 284 -3.20 -2.22 11.53
C CYS A 284 -2.31 -3.28 12.18
N LEU A 285 -1.27 -2.82 12.86
CA LEU A 285 -0.29 -3.70 13.49
C LEU A 285 -0.89 -4.49 14.66
N VAL A 286 -1.84 -3.88 15.36
CA VAL A 286 -2.55 -4.57 16.45
C VAL A 286 -3.28 -5.80 15.92
N PHE A 287 -3.71 -5.73 14.67
CA PHE A 287 -4.39 -6.85 14.05
C PHE A 287 -3.50 -7.71 13.16
N GLY A 288 -2.19 -7.64 13.39
CA GLY A 288 -1.28 -8.59 12.80
C GLY A 288 -0.74 -8.26 11.42
N ALA A 289 -0.98 -7.04 10.94
CA ALA A 289 -0.29 -6.57 9.74
C ALA A 289 1.22 -6.57 9.98
N LYS A 290 2.00 -6.83 8.93
CA LYS A 290 3.45 -6.72 9.04
C LYS A 290 3.94 -5.29 8.83
N ALA A 291 3.22 -4.52 8.01
CA ALA A 291 3.59 -3.14 7.70
C ALA A 291 2.41 -2.44 7.06
N VAL A 292 2.53 -1.12 6.97
CA VAL A 292 1.41 -0.25 6.60
C VAL A 292 1.82 0.71 5.49
N GLY A 293 1.04 0.74 4.42
CA GLY A 293 1.32 1.55 3.26
C GLY A 293 0.51 2.84 3.22
N LEU A 294 1.13 3.90 2.68
CA LEU A 294 0.47 5.19 2.52
C LEU A 294 0.69 5.73 1.12
N SER A 295 -0.39 6.19 0.50
CA SER A 295 -0.29 6.88 -0.79
C SER A 295 -0.79 8.32 -0.65
N ARG A 296 -2.10 8.52 -0.62
CA ARG A 296 -2.68 9.87 -0.56
CA ARG A 296 -2.71 9.84 -0.54
C ARG A 296 -2.07 10.77 0.51
N THR A 297 -1.88 10.26 1.72
CA THR A 297 -1.33 11.10 2.78
C THR A 297 0.05 11.65 2.42
N VAL A 298 0.91 10.79 1.88
CA VAL A 298 2.26 11.21 1.50
C VAL A 298 2.24 12.09 0.26
N LEU A 299 1.40 11.73 -0.71
CA LEU A 299 1.24 12.56 -1.91
C LEU A 299 0.82 13.98 -1.54
N GLU A 300 -0.15 14.11 -0.64
CA GLU A 300 -0.61 15.43 -0.23
C GLU A 300 0.52 16.20 0.48
N LEU A 301 1.30 15.50 1.30
CA LEU A 301 2.42 16.15 1.97
C LEU A 301 3.41 16.73 0.97
N VAL A 302 3.79 15.96 -0.04
CA VAL A 302 4.77 16.40 -1.03
C VAL A 302 4.22 17.54 -1.91
N GLU A 303 2.90 17.61 -2.02
CA GLU A 303 2.26 18.69 -2.78
C GLU A 303 2.07 19.96 -1.96
N THR A 304 2.22 19.85 -0.64
CA THR A 304 1.92 20.96 0.26
C THR A 304 3.16 21.59 0.89
N TYR A 305 4.14 20.75 1.22
CA TYR A 305 5.33 21.19 1.95
C TYR A 305 6.59 20.96 1.14
N THR A 306 7.70 21.57 1.56
CA THR A 306 8.99 21.28 0.94
C THR A 306 9.40 19.85 1.27
N VAL A 307 10.29 19.29 0.45
CA VAL A 307 10.77 17.94 0.70
C VAL A 307 11.42 17.84 2.07
N GLU A 308 12.21 18.85 2.44
CA GLU A 308 12.81 18.91 3.75
C GLU A 308 11.76 18.85 4.88
N GLU A 309 10.67 19.60 4.71
CA GLU A 309 9.58 19.57 5.68
C GLU A 309 8.90 18.20 5.75
N VAL A 310 8.72 17.56 4.59
CA VAL A 310 8.09 16.23 4.58
C VAL A 310 8.97 15.22 5.31
N ILE A 311 10.28 15.31 5.10
CA ILE A 311 11.22 14.44 5.82
C ILE A 311 11.06 14.60 7.33
N GLY A 312 10.94 15.85 7.79
CA GLY A 312 10.70 16.10 9.21
C GLY A 312 9.41 15.48 9.72
N ILE A 313 8.36 15.55 8.92
CA ILE A 313 7.07 14.97 9.31
C ILE A 313 7.17 13.46 9.42
N VAL A 314 7.83 12.83 8.45
CA VAL A 314 7.99 11.38 8.44
C VAL A 314 8.87 10.91 9.61
N GLN A 315 9.94 11.65 9.89
CA GLN A 315 10.74 11.38 11.08
C GLN A 315 9.86 11.48 12.32
N GLY A 316 8.97 12.46 12.33
CA GLY A 316 8.04 12.64 13.43
C GLY A 316 7.11 11.46 13.59
N TRP A 317 6.73 10.84 12.47
CA TRP A 317 5.88 9.65 12.54
C TRP A 317 6.55 8.53 13.32
N LYS A 318 7.86 8.37 13.13
CA LYS A 318 8.60 7.36 13.88
C LYS A 318 8.52 7.60 15.38
N ALA A 319 8.73 8.85 15.77
CA ALA A 319 8.64 9.24 17.17
C ALA A 319 7.23 8.99 17.71
N ASP A 320 6.22 9.28 16.90
CA ASP A 320 4.84 9.06 17.30
C ASP A 320 4.54 7.56 17.48
N LEU A 321 5.06 6.73 16.59
CA LEU A 321 4.87 5.29 16.74
C LEU A 321 5.44 4.82 18.07
N ARG A 322 6.64 5.28 18.39
CA ARG A 322 7.26 4.90 19.66
C ARG A 322 6.45 5.35 20.85
N LEU A 323 5.92 6.57 20.81
CA LEU A 323 5.18 7.06 21.97
C LEU A 323 3.84 6.35 22.13
N ILE A 324 3.17 6.05 21.02
CA ILE A 324 1.92 5.28 21.09
C ILE A 324 2.19 3.88 21.64
N MET A 325 3.24 3.24 21.15
CA MET A 325 3.62 1.92 21.66
C MET A 325 3.94 1.97 23.15
N CYS A 326 4.65 3.00 23.57
CA CYS A 326 4.98 3.17 24.98
C CYS A 326 3.70 3.27 25.81
N SER A 327 2.72 4.02 25.32
CA SER A 327 1.45 4.20 26.02
CA SER A 327 1.45 4.19 26.01
C SER A 327 0.62 2.91 26.02
N LEU A 328 0.97 1.97 25.14
CA LEU A 328 0.31 0.66 25.07
C LEU A 328 1.16 -0.44 25.71
N ASN A 329 2.26 -0.08 26.36
CA ASN A 329 3.18 -1.05 26.94
C ASN A 329 3.66 -2.11 25.95
N CYS A 330 4.05 -1.64 24.76
CA CYS A 330 4.58 -2.49 23.70
C CYS A 330 5.99 -2.05 23.35
N ALA A 331 6.95 -2.95 23.52
CA ALA A 331 8.35 -2.62 23.25
C ALA A 331 8.78 -3.05 21.85
N THR A 332 7.93 -3.83 21.17
CA THR A 332 8.22 -4.27 19.81
C THR A 332 6.95 -4.26 18.98
N ILE A 333 7.09 -4.34 17.67
CA ILE A 333 5.94 -4.35 16.77
C ILE A 333 5.09 -5.59 17.03
N ALA A 334 5.73 -6.74 17.24
CA ALA A 334 5.01 -7.98 17.54
C ALA A 334 4.13 -7.85 18.78
N ASP A 335 4.60 -7.09 19.78
CA ASP A 335 3.85 -6.92 21.03
C ASP A 335 2.47 -6.30 20.79
N LEU A 336 2.34 -5.51 19.72
CA LEU A 336 1.09 -4.81 19.45
C LEU A 336 -0.10 -5.76 19.25
N GLN A 337 0.17 -6.99 18.82
CA GLN A 337 -0.91 -7.94 18.57
C GLN A 337 -1.58 -8.42 19.86
N LYS A 338 -0.95 -8.10 21.00
CA LYS A 338 -1.52 -8.43 22.31
C LYS A 338 -2.44 -7.34 22.85
N VAL A 339 -2.50 -6.19 22.18
CA VAL A 339 -3.27 -5.06 22.66
C VAL A 339 -4.78 -5.33 22.54
N ASP A 340 -5.52 -5.06 23.61
CA ASP A 340 -6.96 -5.25 23.57
CA ASP A 340 -6.97 -5.21 23.63
C ASP A 340 -7.64 -4.04 22.93
N TYR A 341 -8.86 -4.25 22.44
CA TYR A 341 -9.54 -3.23 21.64
C TYR A 341 -11.05 -3.34 21.78
N LEU A 342 -11.74 -2.32 21.29
CA LEU A 342 -13.18 -2.32 21.14
C LEU A 342 -13.50 -1.82 19.74
N LEU A 343 -14.50 -2.44 19.10
CA LEU A 343 -14.99 -2.00 17.81
C LEU A 343 -16.34 -1.30 17.95
N TYR A 344 -16.63 -0.39 17.03
CA TYR A 344 -17.90 0.33 17.05
C TYR A 344 -18.53 0.41 15.66
N GLY A 345 -19.78 0.85 15.63
CA GLY A 345 -20.43 1.19 14.37
C GLY A 345 -20.44 0.06 13.37
N LYS A 346 -20.07 0.35 12.13
CA LYS A 346 -20.10 -0.65 11.07
C LYS A 346 -19.19 -1.84 11.35
N LEU A 347 -17.99 -1.59 11.87
CA LEU A 347 -17.10 -2.71 12.17
C LEU A 347 -17.71 -3.64 13.19
N LYS A 348 -18.33 -3.06 14.23
CA LYS A 348 -18.96 -3.86 15.27
C LYS A 348 -20.15 -4.63 14.70
N GLU A 349 -20.99 -3.95 13.92
CA GLU A 349 -22.15 -4.62 13.32
C GLU A 349 -21.72 -5.77 12.42
N ALA A 350 -20.65 -5.56 11.65
CA ALA A 350 -20.14 -6.60 10.79
C ALA A 350 -19.60 -7.78 11.62
N LYS A 351 -18.89 -7.49 12.72
CA LYS A 351 -18.36 -8.55 13.55
C LYS A 351 -19.48 -9.41 14.15
N ASP A 352 -20.61 -8.78 14.47
CA ASP A 352 -21.78 -9.50 14.97
C ASP A 352 -22.25 -10.57 13.97
N GLN A 353 -21.94 -10.36 12.69
CA GLN A 353 -22.38 -11.23 11.61
C GLN A 353 -21.32 -12.25 11.16
N MET A 354 -20.14 -12.18 11.74
CA MET A 354 -19.05 -13.06 11.30
C MET A 354 -18.93 -14.25 12.23
#